data_5VGO
#
_entry.id   5VGO
#
_cell.length_a   108.314
_cell.length_b   108.314
_cell.length_c   42.570
_cell.angle_alpha   90.00
_cell.angle_beta   90.00
_cell.angle_gamma   120.00
#
_symmetry.space_group_name_H-M   'P 61'
#
loop_
_entity.id
_entity.type
_entity.pdbx_description
1 polymer 'Tyrosine-protein kinase BTK'
2 non-polymer 'SULFATE ION'
3 non-polymer GLYCEROL
4 non-polymer 2-(2-METHOXYETHOXY)ETHANOL
5 non-polymer 2-[2-(hydroxymethyl)-3-{1-methyl-6-oxo-5-[(pyrimidin-4-yl)amino]-1,6-dihydropyridin-3-yl}phenyl]-6,6-dimethyl-3,4,6,7-tetrahydro-2H-cyclopenta[4,5]thieno[2,3-c]pyridin-1(5H)-one
6 water water
#
_entity_poly.entity_id   1
_entity_poly.type   'polypeptide(L)'
_entity_poly.pdbx_seq_one_letter_code
;MGSWEIDPKDLTFLKELGTGQFGVVKYGKWRGQYDVAIKMIKEGSMSEDEFIEEAKVMMNLSHEKLVQLYGVCTKQRPIF
IITEYMANGCLLNYLREMRHRFQTQQLLEMCKDVCEAMEYLESKQFLHRDLAARNCLVNDQGVVKVSDFGLSRYVLDDEY
TSSVGSKFPVRWSPPEVLMYSKFSSKSDIWAFGVLMWEIYSLGKMPYERFTNSETAEHIAQGLRLYRPHLASEKVYTIMY
SCWHEKADERPTFKILLSNILDVMDENLYFQ
;
_entity_poly.pdbx_strand_id   A
#
loop_
_chem_comp.id
_chem_comp.type
_chem_comp.name
_chem_comp.formula
9B1 non-polymer 2-[2-(hydroxymethyl)-3-{1-methyl-6-oxo-5-[(pyrimidin-4-yl)amino]-1,6-dihydropyridin-3-yl}phenyl]-6,6-dimethyl-3,4,6,7-tetrahydro-2H-cyclopenta[4,5]thieno[2,3-c]pyridin-1(5H)-one 'C29 H29 N5 O3 S'
GOL non-polymer GLYCEROL 'C3 H8 O3'
PG0 non-polymer 2-(2-METHOXYETHOXY)ETHANOL 'C5 H12 O3'
SO4 non-polymer 'SULFATE ION' 'O4 S -2'
#
# COMPACT_ATOMS: atom_id res chain seq x y z
N SER A 3 -18.74 -13.66 -4.22
CA SER A 3 -18.46 -12.23 -4.12
C SER A 3 -19.74 -11.41 -3.95
N TRP A 4 -19.72 -10.44 -3.04
CA TRP A 4 -20.91 -9.62 -2.80
C TRP A 4 -21.20 -8.68 -3.98
N GLU A 5 -22.30 -8.97 -4.67
CA GLU A 5 -22.76 -8.14 -5.76
C GLU A 5 -23.70 -7.06 -5.21
N ILE A 6 -23.20 -5.84 -5.14
CA ILE A 6 -23.96 -4.72 -4.62
C ILE A 6 -24.89 -4.14 -5.68
N ASP A 7 -26.10 -3.76 -5.25
CA ASP A 7 -27.08 -3.14 -6.14
C ASP A 7 -26.72 -1.66 -6.32
N PRO A 8 -26.36 -1.26 -7.55
CA PRO A 8 -25.94 0.13 -7.77
C PRO A 8 -27.03 1.13 -7.40
N LYS A 9 -28.28 0.68 -7.37
CA LYS A 9 -29.38 1.54 -6.95
C LYS A 9 -29.20 1.96 -5.50
N ASP A 10 -28.43 1.18 -4.74
CA ASP A 10 -28.19 1.48 -3.34
C ASP A 10 -27.05 2.46 -3.13
N LEU A 11 -26.40 2.87 -4.20
CA LEU A 11 -25.27 3.79 -4.11
C LEU A 11 -25.70 5.21 -4.47
N THR A 12 -25.30 6.16 -3.64
CA THR A 12 -25.55 7.57 -3.90
C THR A 12 -24.19 8.26 -4.01
N PHE A 13 -23.85 8.77 -5.19
CA PHE A 13 -22.59 9.50 -5.35
C PHE A 13 -22.65 10.88 -4.70
N LEU A 14 -21.57 11.27 -4.01
CA LEU A 14 -21.54 12.56 -3.31
C LEU A 14 -20.38 13.48 -3.70
N LYS A 15 -19.20 12.92 -3.91
CA LYS A 15 -18.03 13.77 -4.16
C LYS A 15 -17.00 13.08 -5.06
N GLU A 16 -16.33 13.86 -5.90
CA GLU A 16 -15.21 13.34 -6.68
C GLU A 16 -14.00 13.19 -5.78
N LEU A 17 -13.34 12.03 -5.84
CA LEU A 17 -12.11 11.82 -5.06
C LEU A 17 -10.88 11.79 -5.92
N GLY A 18 -11.04 12.03 -7.21
CA GLY A 18 -9.90 12.05 -8.11
C GLY A 18 -9.82 10.80 -8.96
N THR A 19 -8.66 10.60 -9.58
CA THR A 19 -8.48 9.51 -10.52
C THR A 19 -7.31 8.63 -10.06
N GLY A 20 -7.47 7.32 -10.20
CA GLY A 20 -6.40 6.38 -9.89
C GLY A 20 -6.10 5.53 -11.11
N GLN A 21 -5.40 4.42 -10.90
CA GLN A 21 -4.96 3.59 -12.02
C GLN A 21 -6.13 3.04 -12.84
N PHE A 22 -7.29 2.87 -12.19
CA PHE A 22 -8.45 2.37 -12.92
C PHE A 22 -9.47 3.45 -13.26
N GLY A 23 -9.09 4.69 -13.12
CA GLY A 23 -9.98 5.77 -13.51
C GLY A 23 -10.58 6.52 -12.34
N VAL A 24 -11.82 6.98 -12.50
CA VAL A 24 -12.42 7.86 -11.50
C VAL A 24 -12.86 7.10 -10.26
N VAL A 25 -12.70 7.75 -9.11
CA VAL A 25 -13.13 7.20 -7.83
C VAL A 25 -14.01 8.25 -7.18
N LYS A 26 -15.15 7.83 -6.62
CA LYS A 26 -16.04 8.79 -5.97
C LYS A 26 -16.30 8.41 -4.52
N TYR A 27 -16.64 9.41 -3.72
CA TYR A 27 -17.15 9.18 -2.38
C TYR A 27 -18.68 9.14 -2.47
N GLY A 28 -19.30 8.21 -1.74
CA GLY A 28 -20.76 8.13 -1.75
C GLY A 28 -21.26 7.43 -0.51
N LYS A 29 -22.55 7.13 -0.50
CA LYS A 29 -23.13 6.37 0.60
C LYS A 29 -23.82 5.14 0.06
N TRP A 30 -23.81 4.07 0.86
CA TRP A 30 -24.56 2.87 0.55
C TRP A 30 -25.78 2.88 1.47
N ARG A 31 -26.94 2.73 0.84
CA ARG A 31 -28.26 2.76 1.50
C ARG A 31 -28.42 3.97 2.41
N GLY A 32 -27.93 5.11 1.93
CA GLY A 32 -28.15 6.39 2.57
C GLY A 32 -27.42 6.58 3.87
N GLN A 33 -26.59 5.60 4.27
CA GLN A 33 -25.98 5.71 5.59
C GLN A 33 -24.47 5.53 5.61
N TYR A 34 -23.98 4.48 4.94
CA TYR A 34 -22.58 4.10 5.10
C TYR A 34 -21.67 4.78 4.10
N ASP A 35 -20.64 5.44 4.60
CA ASP A 35 -19.65 6.05 3.71
C ASP A 35 -18.92 4.96 2.94
N VAL A 36 -18.78 5.13 1.62
CA VAL A 36 -18.00 4.21 0.81
C VAL A 36 -17.24 5.00 -0.23
N ALA A 37 -16.21 4.35 -0.78
CA ALA A 37 -15.59 4.82 -2.01
C ALA A 37 -16.01 3.87 -3.12
N ILE A 38 -16.20 4.44 -4.31
CA ILE A 38 -16.65 3.68 -5.47
C ILE A 38 -15.67 3.91 -6.61
N LYS A 39 -14.96 2.86 -7.00
CA LYS A 39 -14.11 2.91 -8.18
C LYS A 39 -14.98 2.63 -9.38
N MET A 40 -14.97 3.52 -10.37
CA MET A 40 -15.61 3.26 -11.65
C MET A 40 -14.51 2.78 -12.60
N ILE A 41 -14.52 1.50 -12.92
CA ILE A 41 -13.37 0.91 -13.62
C ILE A 41 -13.40 1.27 -15.11
N LYS A 42 -12.47 2.14 -15.50
CA LYS A 42 -12.40 2.58 -16.89
C LYS A 42 -12.15 1.42 -17.83
N GLU A 43 -12.93 1.36 -18.91
CA GLU A 43 -12.80 0.29 -19.88
C GLU A 43 -11.35 0.19 -20.39
N GLY A 44 -10.78 -1.01 -20.35
CA GLY A 44 -9.45 -1.23 -20.87
C GLY A 44 -8.35 -1.05 -19.83
N SER A 45 -8.72 -0.59 -18.63
CA SER A 45 -7.70 -0.33 -17.61
C SER A 45 -7.42 -1.54 -16.74
N MET A 46 -8.35 -2.49 -16.74
CA MET A 46 -8.26 -3.64 -15.84
CA MET A 46 -8.28 -3.63 -15.83
C MET A 46 -8.58 -4.95 -16.54
N SER A 47 -7.91 -6.01 -16.13
CA SER A 47 -8.24 -7.33 -16.61
C SER A 47 -9.48 -7.78 -15.84
N GLU A 48 -10.65 -7.42 -16.35
CA GLU A 48 -11.88 -7.52 -15.58
C GLU A 48 -12.36 -8.94 -15.38
N ASP A 49 -12.38 -9.74 -16.44
CA ASP A 49 -12.80 -11.13 -16.32
C ASP A 49 -11.91 -11.82 -15.30
N GLU A 50 -10.62 -11.56 -15.40
CA GLU A 50 -9.67 -12.13 -14.46
C GLU A 50 -9.96 -11.70 -13.03
N PHE A 51 -10.24 -10.41 -12.83
CA PHE A 51 -10.51 -9.89 -11.50
C PHE A 51 -11.80 -10.48 -10.91
N ILE A 52 -12.85 -10.51 -11.72
CA ILE A 52 -14.14 -11.03 -11.27
C ILE A 52 -14.01 -12.51 -10.92
N GLU A 53 -13.27 -13.24 -11.75
CA GLU A 53 -13.06 -14.66 -11.54
C GLU A 53 -12.34 -14.91 -10.21
N GLU A 54 -11.53 -13.94 -9.78
CA GLU A 54 -10.68 -14.13 -8.61
C GLU A 54 -11.03 -13.26 -7.40
N ALA A 55 -12.11 -12.49 -7.48
CA ALA A 55 -12.38 -11.43 -6.49
C ALA A 55 -12.90 -11.85 -5.11
N LYS A 56 -13.48 -13.03 -4.98
CA LYS A 56 -14.07 -13.40 -3.69
C LYS A 56 -13.03 -13.51 -2.57
N VAL A 57 -11.82 -13.96 -2.91
CA VAL A 57 -10.74 -14.06 -1.93
C VAL A 57 -10.40 -12.68 -1.35
N MET A 58 -10.34 -11.69 -2.23
CA MET A 58 -10.02 -10.32 -1.84
CA MET A 58 -10.03 -10.33 -1.80
C MET A 58 -11.10 -9.75 -0.89
N MET A 59 -12.37 -10.03 -1.18
CA MET A 59 -13.45 -9.56 -0.31
C MET A 59 -13.46 -10.26 1.05
N ASN A 60 -13.06 -11.51 1.08
CA ASN A 60 -13.03 -12.25 2.34
C ASN A 60 -11.88 -11.81 3.23
N LEU A 61 -11.03 -10.92 2.72
CA LEU A 61 -9.99 -10.35 3.58
C LEU A 61 -10.65 -9.33 4.49
N SER A 62 -10.58 -9.57 5.79
CA SER A 62 -11.25 -8.69 6.74
C SER A 62 -10.38 -8.42 7.97
N HIS A 63 -10.01 -7.16 8.14
CA HIS A 63 -9.14 -6.75 9.25
C HIS A 63 -9.31 -5.25 9.46
N GLU A 64 -9.21 -4.81 10.71
CA GLU A 64 -9.40 -3.40 11.02
C GLU A 64 -8.42 -2.49 10.28
N LYS A 65 -7.23 -3.01 9.97
CA LYS A 65 -6.22 -2.16 9.37
C LYS A 65 -6.09 -2.35 7.86
N LEU A 66 -7.06 -3.04 7.26
CA LEU A 66 -7.24 -3.07 5.80
C LEU A 66 -8.38 -2.15 5.39
N VAL A 67 -8.19 -1.41 4.30
CA VAL A 67 -9.33 -0.74 3.67
C VAL A 67 -10.16 -1.79 2.94
N GLN A 68 -11.28 -2.16 3.56
CA GLN A 68 -12.08 -3.29 3.12
C GLN A 68 -12.63 -3.16 1.72
N LEU A 69 -12.60 -4.25 0.98
CA LEU A 69 -13.34 -4.34 -0.26
C LEU A 69 -14.70 -4.91 0.09
N TYR A 70 -15.74 -4.09 -0.02
CA TYR A 70 -17.07 -4.52 0.39
C TYR A 70 -17.70 -5.40 -0.67
N GLY A 71 -17.63 -4.96 -1.92
CA GLY A 71 -18.29 -5.68 -2.99
C GLY A 71 -18.09 -5.06 -4.36
N VAL A 72 -18.84 -5.56 -5.33
CA VAL A 72 -18.65 -5.13 -6.72
C VAL A 72 -19.99 -4.94 -7.41
N CYS A 73 -19.98 -4.16 -8.50
CA CYS A 73 -21.14 -4.05 -9.36
C CYS A 73 -20.71 -4.43 -10.77
N THR A 74 -21.15 -5.60 -11.24
CA THR A 74 -20.62 -6.15 -12.48
C THR A 74 -21.67 -6.37 -13.57
N LYS A 75 -22.93 -6.06 -13.27
CA LYS A 75 -24.01 -6.33 -14.22
C LYS A 75 -24.24 -5.12 -15.12
N GLN A 76 -23.16 -4.37 -15.35
CA GLN A 76 -23.27 -3.14 -16.13
C GLN A 76 -21.90 -2.69 -16.62
N ARG A 77 -21.86 -1.62 -17.39
CA ARG A 77 -20.63 -1.02 -17.87
C ARG A 77 -20.61 0.45 -17.50
N PRO A 78 -19.55 0.91 -16.81
CA PRO A 78 -18.38 0.18 -16.31
C PRO A 78 -18.67 -0.54 -15.01
N ILE A 79 -17.85 -1.50 -14.64
CA ILE A 79 -18.05 -2.16 -13.35
C ILE A 79 -17.56 -1.24 -12.23
N PHE A 80 -18.09 -1.47 -11.03
CA PHE A 80 -17.71 -0.72 -9.84
C PHE A 80 -17.00 -1.62 -8.85
N ILE A 81 -16.04 -1.05 -8.12
CA ILE A 81 -15.51 -1.67 -6.92
C ILE A 81 -15.87 -0.78 -5.74
N ILE A 82 -16.53 -1.36 -4.72
CA ILE A 82 -16.96 -0.58 -3.56
CA ILE A 82 -16.97 -0.60 -3.55
C ILE A 82 -16.11 -0.92 -2.35
N THR A 83 -15.54 0.10 -1.73
CA THR A 83 -14.66 -0.08 -0.60
C THR A 83 -14.97 0.83 0.58
N GLU A 84 -14.36 0.51 1.71
CA GLU A 84 -14.33 1.39 2.87
C GLU A 84 -13.86 2.78 2.46
N TYR A 85 -14.40 3.79 3.13
CA TYR A 85 -13.99 5.18 2.91
C TYR A 85 -13.12 5.71 4.05
N MET A 86 -12.09 6.48 3.67
CA MET A 86 -11.09 7.00 4.59
C MET A 86 -11.00 8.51 4.43
N ALA A 87 -11.50 9.23 5.43
CA ALA A 87 -11.77 10.66 5.28
C ALA A 87 -10.52 11.50 5.09
N ASN A 88 -9.38 11.03 5.58
CA ASN A 88 -8.16 11.85 5.48
C ASN A 88 -7.27 11.49 4.29
N GLY A 89 -7.73 10.58 3.45
CA GLY A 89 -7.05 10.32 2.19
C GLY A 89 -5.73 9.60 2.34
N CYS A 90 -4.86 9.75 1.35
CA CYS A 90 -3.71 8.87 1.32
C CYS A 90 -2.64 9.33 2.32
N LEU A 91 -1.93 8.35 2.85
CA LEU A 91 -0.94 8.60 3.90
C LEU A 91 0.17 9.53 3.43
N LEU A 92 0.57 9.42 2.17
CA LEU A 92 1.70 10.22 1.69
C LEU A 92 1.35 11.71 1.80
N ASN A 93 0.17 12.08 1.33
CA ASN A 93 -0.25 13.47 1.44
C ASN A 93 -0.44 13.89 2.89
N TYR A 94 -0.95 12.97 3.71
CA TYR A 94 -1.23 13.22 5.11
C TYR A 94 0.05 13.54 5.86
N LEU A 95 1.09 12.77 5.59
CA LEU A 95 2.40 13.00 6.19
C LEU A 95 2.95 14.38 5.84
N ARG A 96 2.84 14.74 4.57
CA ARG A 96 3.39 15.99 4.09
C ARG A 96 2.61 17.20 4.65
N GLU A 97 1.31 17.04 4.81
CA GLU A 97 0.45 18.17 5.21
C GLU A 97 0.41 18.44 6.71
N MET A 98 0.91 17.50 7.50
CA MET A 98 0.90 17.67 8.96
C MET A 98 2.30 17.46 9.51
N ARG A 99 3.31 17.63 8.66
CA ARG A 99 4.66 17.21 9.01
CA ARG A 99 4.65 17.20 9.03
C ARG A 99 5.24 17.96 10.22
N HIS A 100 4.64 19.09 10.58
CA HIS A 100 5.14 19.85 11.73
C HIS A 100 4.38 19.51 13.02
N ARG A 101 3.51 18.51 12.96
CA ARG A 101 2.62 18.22 14.07
C ARG A 101 2.80 16.84 14.69
N PHE A 102 3.53 15.96 14.03
CA PHE A 102 3.63 14.59 14.50
C PHE A 102 4.62 14.43 15.64
N GLN A 103 4.22 13.70 16.69
CA GLN A 103 5.16 13.17 17.67
C GLN A 103 5.73 11.88 17.10
N THR A 104 6.95 11.51 17.49
CA THR A 104 7.54 10.28 16.97
C THR A 104 6.73 9.06 17.38
N GLN A 105 6.04 9.12 18.51
CA GLN A 105 5.23 7.98 18.92
C GLN A 105 4.08 7.75 17.94
N GLN A 106 3.62 8.84 17.30
CA GLN A 106 2.55 8.71 16.30
C GLN A 106 3.06 8.02 15.04
N LEU A 107 4.31 8.30 14.69
CA LEU A 107 4.94 7.69 13.52
C LEU A 107 5.05 6.18 13.72
N LEU A 108 5.49 5.77 14.91
CA LEU A 108 5.61 4.34 15.19
C LEU A 108 4.24 3.67 15.16
N GLU A 109 3.22 4.38 15.62
CA GLU A 109 1.87 3.85 15.62
C GLU A 109 1.36 3.62 14.18
N MET A 110 1.72 4.52 13.27
CA MET A 110 1.38 4.31 11.86
C MET A 110 2.03 3.03 11.33
N CYS A 111 3.28 2.80 11.73
CA CYS A 111 3.99 1.60 11.30
C CYS A 111 3.31 0.35 11.86
N LYS A 112 2.91 0.41 13.12
CA LYS A 112 2.20 -0.68 13.75
C LYS A 112 0.91 -1.00 13.00
N ASP A 113 0.16 0.04 12.66
CA ASP A 113 -1.09 -0.12 11.92
C ASP A 113 -0.86 -0.91 10.64
N VAL A 114 0.11 -0.46 9.85
CA VAL A 114 0.39 -1.12 8.57
C VAL A 114 0.92 -2.54 8.78
N CYS A 115 1.79 -2.70 9.77
CA CYS A 115 2.34 -4.03 10.04
C CYS A 115 1.26 -5.04 10.46
N GLU A 116 0.26 -4.58 11.22
CA GLU A 116 -0.85 -5.46 11.57
C GLU A 116 -1.61 -5.93 10.34
N ALA A 117 -1.87 -5.00 9.43
CA ALA A 117 -2.56 -5.33 8.19
C ALA A 117 -1.76 -6.35 7.41
N MET A 118 -0.45 -6.10 7.30
CA MET A 118 0.41 -6.95 6.49
C MET A 118 0.63 -8.32 7.13
N GLU A 119 0.66 -8.39 8.46
CA GLU A 119 0.72 -9.68 9.14
CA GLU A 119 0.73 -9.68 9.13
C GLU A 119 -0.52 -10.50 8.80
N TYR A 120 -1.67 -9.84 8.77
CA TYR A 120 -2.91 -10.51 8.42
C TYR A 120 -2.87 -11.02 6.98
N LEU A 121 -2.46 -10.17 6.03
CA LEU A 121 -2.35 -10.62 4.65
C LEU A 121 -1.39 -11.81 4.54
N GLU A 122 -0.26 -11.72 5.22
CA GLU A 122 0.75 -12.77 5.22
C GLU A 122 0.15 -14.08 5.71
N SER A 123 -0.68 -14.00 6.73
CA SER A 123 -1.30 -15.20 7.31
C SER A 123 -2.31 -15.82 6.34
N LYS A 124 -2.73 -15.05 5.35
CA LYS A 124 -3.66 -15.52 4.34
C LYS A 124 -2.93 -15.83 3.04
N GLN A 125 -1.60 -15.79 3.09
CA GLN A 125 -0.78 -16.02 1.90
C GLN A 125 -1.22 -15.11 0.75
N PHE A 126 -1.54 -13.86 1.11
CA PHE A 126 -2.03 -12.89 0.13
C PHE A 126 -1.04 -11.75 -0.02
N LEU A 127 -0.60 -11.51 -1.25
CA LEU A 127 0.39 -10.47 -1.52
C LEU A 127 -0.26 -9.13 -1.83
N HIS A 128 0.33 -8.06 -1.30
CA HIS A 128 -0.12 -6.74 -1.67
C HIS A 128 0.38 -6.39 -3.06
N ARG A 129 1.70 -6.46 -3.23
CA ARG A 129 2.43 -6.23 -4.49
CA ARG A 129 2.40 -6.24 -4.51
C ARG A 129 2.65 -4.76 -4.84
N ASP A 130 2.01 -3.84 -4.11
CA ASP A 130 2.32 -2.41 -4.33
C ASP A 130 2.16 -1.63 -3.02
N LEU A 131 2.80 -2.11 -1.96
CA LEU A 131 2.77 -1.40 -0.68
C LEU A 131 3.68 -0.18 -0.69
N ALA A 132 3.13 0.95 -0.26
CA ALA A 132 3.82 2.24 -0.27
C ALA A 132 2.93 3.23 0.46
N ALA A 133 3.47 4.38 0.88
CA ALA A 133 2.63 5.35 1.58
C ALA A 133 1.49 5.82 0.69
N ARG A 134 1.72 5.92 -0.62
CA ARG A 134 0.68 6.38 -1.54
C ARG A 134 -0.49 5.41 -1.55
N ASN A 135 -0.23 4.17 -1.15
CA ASN A 135 -1.29 3.15 -1.12
C ASN A 135 -1.70 2.74 0.30
N CYS A 136 -1.56 3.68 1.22
CA CYS A 136 -2.16 3.59 2.53
C CYS A 136 -3.09 4.79 2.66
N LEU A 137 -4.17 4.62 3.42
CA LEU A 137 -5.12 5.70 3.62
C LEU A 137 -5.29 5.95 5.11
N VAL A 138 -5.85 7.11 5.45
CA VAL A 138 -5.94 7.53 6.86
C VAL A 138 -7.39 7.90 7.16
N ASN A 139 -7.94 7.43 8.27
CA ASN A 139 -9.34 7.75 8.58
C ASN A 139 -9.43 8.97 9.50
N ASP A 140 -10.65 9.29 9.92
CA ASP A 140 -10.90 10.53 10.63
C ASP A 140 -10.28 10.56 12.03
N GLN A 141 -9.85 9.40 12.50
CA GLN A 141 -9.22 9.32 13.81
C GLN A 141 -7.73 9.01 13.68
N GLY A 142 -7.19 9.15 12.48
CA GLY A 142 -5.75 9.04 12.29
C GLY A 142 -5.20 7.63 12.17
N VAL A 143 -6.10 6.65 12.14
CA VAL A 143 -5.70 5.27 11.92
C VAL A 143 -5.29 5.05 10.48
N VAL A 144 -4.15 4.40 10.27
CA VAL A 144 -3.65 4.12 8.92
C VAL A 144 -4.10 2.73 8.52
N LYS A 145 -4.59 2.60 7.29
CA LYS A 145 -4.98 1.31 6.78
C LYS A 145 -4.38 1.06 5.40
N VAL A 146 -4.13 -0.20 5.10
CA VAL A 146 -3.55 -0.56 3.82
C VAL A 146 -4.62 -0.71 2.76
N SER A 147 -4.37 -0.11 1.60
CA SER A 147 -5.39 -0.04 0.55
CA SER A 147 -5.39 -0.07 0.55
C SER A 147 -4.92 -0.64 -0.79
N ASP A 148 -5.87 -1.11 -1.59
CA ASP A 148 -5.63 -1.59 -2.96
C ASP A 148 -4.64 -2.77 -3.03
N PHE A 149 -4.60 -3.55 -1.96
CA PHE A 149 -3.85 -4.80 -1.91
C PHE A 149 -4.34 -5.76 -2.99
N GLY A 150 -3.40 -6.38 -3.69
CA GLY A 150 -3.75 -7.39 -4.69
C GLY A 150 -4.17 -6.89 -6.06
N LEU A 151 -4.50 -5.60 -6.17
CA LEU A 151 -5.05 -5.09 -7.43
C LEU A 151 -3.98 -4.87 -8.51
N SER A 152 -2.72 -4.73 -8.11
CA SER A 152 -1.65 -4.51 -9.08
CA SER A 152 -1.62 -4.53 -9.05
C SER A 152 -1.64 -5.58 -10.17
N ARG A 153 -2.02 -6.79 -9.79
CA ARG A 153 -2.10 -7.93 -10.72
C ARG A 153 -3.04 -7.73 -11.90
N TYR A 154 -4.04 -6.86 -11.76
CA TYR A 154 -5.07 -6.71 -12.80
C TYR A 154 -4.88 -5.47 -13.64
N VAL A 155 -3.80 -4.74 -13.40
CA VAL A 155 -3.55 -3.50 -14.13
C VAL A 155 -3.13 -3.77 -15.57
N LEU A 156 -3.82 -3.10 -16.52
CA LEU A 156 -3.41 -3.14 -17.91
C LEU A 156 -2.81 -1.78 -18.24
N ASP A 157 -1.48 -1.73 -18.19
CA ASP A 157 -0.78 -0.48 -18.44
C ASP A 157 0.70 -0.87 -18.48
N ASP A 158 1.27 -0.94 -19.68
CA ASP A 158 2.64 -1.43 -19.80
C ASP A 158 3.65 -0.56 -19.04
N GLU A 159 3.34 0.72 -18.82
CA GLU A 159 4.28 1.57 -18.09
C GLU A 159 4.31 1.18 -16.62
N TYR A 160 3.26 0.51 -16.16
CA TYR A 160 3.18 0.09 -14.76
C TYR A 160 3.65 -1.36 -14.55
N THR A 161 3.33 -2.23 -15.50
CA THR A 161 3.63 -3.66 -15.33
C THR A 161 5.04 -4.04 -15.76
N SER A 162 5.67 -3.25 -16.62
CA SER A 162 7.08 -3.48 -16.98
C SER A 162 8.02 -2.96 -15.90
N SER A 163 9.01 -3.74 -15.50
CA SER A 163 9.90 -3.28 -14.44
C SER A 163 10.78 -2.10 -14.89
N VAL A 164 10.83 -1.81 -16.20
CA VAL A 164 11.52 -0.60 -16.66
C VAL A 164 10.52 0.44 -17.16
N GLY A 165 9.24 0.22 -16.89
CA GLY A 165 8.22 1.23 -17.13
C GLY A 165 8.33 2.41 -16.17
N SER A 166 7.84 3.57 -16.60
CA SER A 166 8.00 4.77 -15.80
CA SER A 166 7.93 4.80 -15.84
C SER A 166 7.07 4.80 -14.58
N LYS A 167 6.09 3.89 -14.53
CA LYS A 167 5.17 3.84 -13.39
C LYS A 167 5.42 2.66 -12.45
N PHE A 168 6.34 1.76 -12.80
CA PHE A 168 6.64 0.60 -11.98
C PHE A 168 7.21 1.07 -10.65
N PRO A 169 6.78 0.46 -9.53
CA PRO A 169 7.25 0.90 -8.21
C PRO A 169 8.67 0.44 -7.87
N VAL A 170 9.62 0.85 -8.71
CA VAL A 170 11.01 0.45 -8.53
C VAL A 170 11.55 0.77 -7.12
N ARG A 171 11.20 1.93 -6.60
CA ARG A 171 11.80 2.38 -5.33
C ARG A 171 11.31 1.58 -4.12
N TRP A 172 10.28 0.74 -4.32
CA TRP A 172 9.73 -0.09 -3.26
C TRP A 172 10.00 -1.58 -3.51
N SER A 173 10.83 -1.88 -4.51
CA SER A 173 11.06 -3.27 -4.97
C SER A 173 12.42 -3.84 -4.59
N PRO A 174 12.44 -5.09 -4.11
CA PRO A 174 13.71 -5.77 -3.82
C PRO A 174 14.41 -6.22 -5.11
N PRO A 175 15.68 -6.61 -5.00
CA PRO A 175 16.46 -7.06 -6.15
C PRO A 175 15.79 -8.17 -6.96
N GLU A 176 15.17 -9.14 -6.29
CA GLU A 176 14.62 -10.31 -7.01
C GLU A 176 13.34 -9.95 -7.78
N VAL A 177 12.70 -8.85 -7.40
CA VAL A 177 11.58 -8.38 -8.21
C VAL A 177 12.10 -7.66 -9.44
N LEU A 178 13.10 -6.79 -9.25
CA LEU A 178 13.66 -6.03 -10.37
C LEU A 178 14.33 -6.95 -11.39
N MET A 179 14.95 -8.04 -10.93
CA MET A 179 15.68 -8.92 -11.83
CA MET A 179 15.66 -8.91 -11.85
C MET A 179 14.81 -10.05 -12.40
N TYR A 180 13.95 -10.63 -11.56
CA TYR A 180 13.22 -11.85 -11.95
C TYR A 180 11.69 -11.77 -11.87
N SER A 181 11.15 -10.63 -11.46
CA SER A 181 9.72 -10.52 -11.19
C SER A 181 9.26 -11.59 -10.21
N LYS A 182 10.09 -11.86 -9.19
CA LYS A 182 9.72 -12.86 -8.19
C LYS A 182 9.06 -12.21 -6.98
N PHE A 183 7.73 -12.16 -6.98
CA PHE A 183 6.99 -11.57 -5.87
C PHE A 183 6.73 -12.62 -4.82
N SER A 184 6.83 -12.21 -3.58
CA SER A 184 6.56 -13.08 -2.46
C SER A 184 6.22 -12.21 -1.27
N SER A 185 5.93 -12.86 -0.14
CA SER A 185 5.73 -12.13 1.09
C SER A 185 6.97 -11.29 1.39
N LYS A 186 8.13 -11.80 0.96
CA LYS A 186 9.39 -11.11 1.23
C LYS A 186 9.57 -9.87 0.37
N SER A 187 8.89 -9.77 -0.78
CA SER A 187 8.96 -8.51 -1.53
C SER A 187 8.01 -7.49 -0.88
N ASP A 188 6.92 -7.95 -0.28
CA ASP A 188 6.09 -7.06 0.53
C ASP A 188 6.88 -6.56 1.76
N ILE A 189 7.72 -7.43 2.34
CA ILE A 189 8.57 -7.04 3.46
C ILE A 189 9.49 -5.88 3.09
N TRP A 190 10.15 -6.02 1.95
CA TRP A 190 11.05 -4.97 1.47
C TRP A 190 10.30 -3.65 1.34
N ALA A 191 9.15 -3.72 0.67
CA ALA A 191 8.34 -2.52 0.47
C ALA A 191 7.93 -1.89 1.80
N PHE A 192 7.57 -2.72 2.78
CA PHE A 192 7.20 -2.22 4.10
C PHE A 192 8.34 -1.42 4.74
N GLY A 193 9.58 -1.90 4.60
CA GLY A 193 10.72 -1.16 5.10
C GLY A 193 10.82 0.23 4.47
N VAL A 194 10.62 0.29 3.16
CA VAL A 194 10.65 1.58 2.48
C VAL A 194 9.49 2.44 3.00
N LEU A 195 8.34 1.83 3.22
CA LEU A 195 7.19 2.54 3.77
CA LEU A 195 7.19 2.55 3.76
C LEU A 195 7.52 3.14 5.14
N MET A 196 8.20 2.35 5.98
CA MET A 196 8.61 2.87 7.29
C MET A 196 9.50 4.09 7.11
N TRP A 197 10.39 4.03 6.13
CA TRP A 197 11.27 5.14 5.83
C TRP A 197 10.46 6.36 5.37
N GLU A 198 9.46 6.14 4.53
CA GLU A 198 8.58 7.22 4.11
C GLU A 198 7.90 7.87 5.30
N ILE A 199 7.43 7.05 6.24
CA ILE A 199 6.76 7.57 7.42
C ILE A 199 7.72 8.39 8.28
N TYR A 200 8.90 7.86 8.56
CA TYR A 200 9.80 8.58 9.46
C TYR A 200 10.47 9.78 8.79
N SER A 201 10.43 9.82 7.46
CA SER A 201 10.95 10.98 6.73
CA SER A 201 10.94 10.95 6.70
C SER A 201 9.85 11.99 6.43
N LEU A 202 8.66 11.73 6.96
CA LEU A 202 7.51 12.62 6.79
C LEU A 202 7.15 12.80 5.32
N GLY A 203 7.24 11.73 4.57
CA GLY A 203 6.72 11.71 3.20
C GLY A 203 7.69 12.09 2.09
N LYS A 204 9.00 12.01 2.38
CA LYS A 204 9.99 12.25 1.32
C LYS A 204 9.99 11.10 0.32
N MET A 205 10.39 11.41 -0.92
CA MET A 205 10.52 10.41 -1.97
C MET A 205 11.79 9.60 -1.76
N PRO A 206 11.67 8.26 -1.72
CA PRO A 206 12.87 7.42 -1.56
C PRO A 206 13.80 7.56 -2.76
N TYR A 207 15.09 7.66 -2.50
CA TYR A 207 16.11 7.83 -3.54
C TYR A 207 15.81 9.02 -4.44
N GLU A 208 15.30 10.09 -3.87
CA GLU A 208 15.04 11.31 -4.63
C GLU A 208 16.31 11.71 -5.39
N ARG A 209 16.11 12.20 -6.61
CA ARG A 209 17.20 12.65 -7.51
CA ARG A 209 17.20 12.65 -7.51
C ARG A 209 17.86 11.49 -8.27
N PHE A 210 17.64 10.26 -7.81
CA PHE A 210 18.01 9.06 -8.57
C PHE A 210 16.87 8.71 -9.53
N THR A 211 17.18 8.31 -10.76
CA THR A 211 16.12 7.76 -11.61
C THR A 211 15.76 6.36 -11.15
N ASN A 212 14.71 5.79 -11.73
CA ASN A 212 14.35 4.42 -11.41
C ASN A 212 15.49 3.44 -11.73
N SER A 213 16.09 3.57 -12.91
CA SER A 213 17.16 2.64 -13.28
C SER A 213 18.40 2.84 -12.42
N GLU A 214 18.69 4.08 -12.00
CA GLU A 214 19.82 4.31 -11.12
C GLU A 214 19.56 3.72 -9.74
N THR A 215 18.31 3.83 -9.29
CA THR A 215 17.92 3.20 -8.03
C THR A 215 18.12 1.69 -8.10
N ALA A 216 17.64 1.06 -9.18
CA ALA A 216 17.76 -0.38 -9.34
C ALA A 216 19.22 -0.80 -9.33
N GLU A 217 20.03 -0.11 -10.11
CA GLU A 217 21.46 -0.36 -10.22
C GLU A 217 22.13 -0.33 -8.85
N HIS A 218 21.86 0.73 -8.10
CA HIS A 218 22.61 0.94 -6.88
C HIS A 218 22.08 0.13 -5.69
N ILE A 219 20.78 -0.14 -5.60
CA ILE A 219 20.33 -0.99 -4.51
C ILE A 219 20.78 -2.44 -4.76
N ALA A 220 20.93 -2.81 -6.02
CA ALA A 220 21.44 -4.14 -6.33
C ALA A 220 22.88 -4.26 -5.86
N GLN A 221 23.59 -3.14 -5.84
CA GLN A 221 25.00 -3.14 -5.42
C GLN A 221 25.14 -2.88 -3.91
N GLY A 222 24.02 -2.73 -3.21
CA GLY A 222 24.04 -2.60 -1.77
C GLY A 222 23.65 -1.25 -1.19
N LEU A 223 23.32 -0.27 -2.03
CA LEU A 223 22.92 1.04 -1.52
C LEU A 223 21.64 0.89 -0.71
N ARG A 224 21.56 1.56 0.44
CA ARG A 224 20.34 1.52 1.25
C ARG A 224 19.94 2.92 1.70
N LEU A 225 18.65 3.13 1.92
CA LEU A 225 18.16 4.39 2.43
C LEU A 225 18.79 4.72 3.79
N TYR A 226 19.18 5.98 3.95
CA TYR A 226 19.77 6.47 5.18
C TYR A 226 18.75 6.54 6.32
N ARG A 227 19.25 6.61 7.55
CA ARG A 227 18.37 6.74 8.71
CA ARG A 227 18.39 6.74 8.72
C ARG A 227 17.75 8.13 8.77
N PRO A 228 16.41 8.20 8.72
CA PRO A 228 15.80 9.53 8.84
C PRO A 228 16.06 10.14 10.22
N HIS A 229 16.13 11.46 10.26
CA HIS A 229 16.43 12.14 11.51
CA HIS A 229 16.37 12.23 11.48
C HIS A 229 15.50 11.76 12.66
N LEU A 230 14.22 11.53 12.37
CA LEU A 230 13.25 11.20 13.41
C LEU A 230 13.24 9.75 13.83
N ALA A 231 14.01 8.91 13.15
CA ALA A 231 14.05 7.49 13.48
C ALA A 231 15.16 7.19 14.49
N SER A 232 14.78 6.58 15.62
CA SER A 232 15.76 6.07 16.57
C SER A 232 16.53 4.91 15.96
N GLU A 233 17.65 4.53 16.59
CA GLU A 233 18.40 3.39 16.11
C GLU A 233 17.57 2.11 16.10
N LYS A 234 16.76 1.92 17.14
CA LYS A 234 15.92 0.73 17.23
C LYS A 234 14.94 0.69 16.07
N VAL A 235 14.36 1.84 15.75
CA VAL A 235 13.41 1.93 14.63
C VAL A 235 14.11 1.71 13.28
N TYR A 236 15.30 2.30 13.11
CA TYR A 236 16.04 2.12 11.87
C TYR A 236 16.46 0.66 11.67
N THR A 237 16.81 0.00 12.78
CA THR A 237 17.18 -1.41 12.71
C THR A 237 16.03 -2.23 12.15
N ILE A 238 14.81 -1.87 12.54
CA ILE A 238 13.62 -2.58 12.07
C ILE A 238 13.42 -2.38 10.56
N MET A 239 13.45 -1.14 10.07
CA MET A 239 13.23 -0.96 8.64
C MET A 239 14.38 -1.56 7.83
N TYR A 240 15.60 -1.46 8.36
CA TYR A 240 16.78 -1.94 7.66
C TYR A 240 16.75 -3.46 7.48
N SER A 241 16.18 -4.15 8.46
CA SER A 241 16.10 -5.60 8.42
C SER A 241 15.26 -6.08 7.23
N CYS A 242 14.41 -5.19 6.70
CA CYS A 242 13.54 -5.53 5.57
C CYS A 242 14.29 -5.54 4.26
N TRP A 243 15.52 -5.02 4.28
CA TRP A 243 16.24 -4.82 3.03
C TRP A 243 17.44 -5.76 2.87
N HIS A 244 17.44 -6.89 3.57
CA HIS A 244 18.46 -7.91 3.25
C HIS A 244 18.42 -8.25 1.77
N GLU A 245 19.60 -8.31 1.15
CA GLU A 245 19.69 -8.68 -0.25
C GLU A 245 18.97 -10.00 -0.54
N LYS A 246 19.22 -10.99 0.32
CA LYS A 246 18.60 -12.31 0.17
C LYS A 246 17.22 -12.35 0.83
N ALA A 247 16.21 -12.67 0.03
CA ALA A 247 14.82 -12.69 0.50
C ALA A 247 14.64 -13.55 1.75
N ASP A 248 15.34 -14.68 1.79
CA ASP A 248 15.13 -15.61 2.88
C ASP A 248 15.76 -15.13 4.19
N GLU A 249 16.55 -14.06 4.12
CA GLU A 249 17.12 -13.48 5.33
C GLU A 249 16.24 -12.36 5.90
N ARG A 250 15.20 -11.99 5.17
CA ARG A 250 14.28 -10.96 5.66
C ARG A 250 13.28 -11.55 6.65
N PRO A 251 12.87 -10.74 7.65
CA PRO A 251 11.88 -11.19 8.63
C PRO A 251 10.49 -11.39 8.02
N THR A 252 9.61 -11.99 8.82
CA THR A 252 8.19 -12.06 8.51
C THR A 252 7.50 -10.85 9.12
N PHE A 253 6.25 -10.61 8.73
CA PHE A 253 5.50 -9.49 9.31
C PHE A 253 5.15 -9.77 10.77
N LYS A 254 5.03 -11.05 11.11
CA LYS A 254 4.84 -11.44 12.50
C LYS A 254 6.02 -10.99 13.37
N ILE A 255 7.22 -11.26 12.88
CA ILE A 255 8.42 -10.84 13.58
C ILE A 255 8.53 -9.32 13.62
N LEU A 256 8.24 -8.66 12.50
CA LEU A 256 8.32 -7.20 12.48
C LEU A 256 7.35 -6.58 13.47
N LEU A 257 6.16 -7.16 13.57
CA LEU A 257 5.15 -6.63 14.47
C LEU A 257 5.65 -6.76 15.91
N SER A 258 6.20 -7.92 16.23
CA SER A 258 6.78 -8.16 17.55
C SER A 258 7.90 -7.16 17.84
N ASN A 259 8.77 -6.91 16.85
CA ASN A 259 9.81 -5.91 17.02
C ASN A 259 9.23 -4.52 17.32
N ILE A 260 8.20 -4.14 16.58
CA ILE A 260 7.62 -2.81 16.75
C ILE A 260 6.96 -2.69 18.12
N LEU A 261 6.23 -3.72 18.53
CA LEU A 261 5.60 -3.71 19.86
C LEU A 261 6.65 -3.59 20.96
N ASP A 262 7.80 -4.22 20.77
CA ASP A 262 8.87 -4.14 21.77
C ASP A 262 9.40 -2.73 21.93
N VAL A 263 9.53 -2.00 20.82
CA VAL A 263 10.01 -0.63 20.88
C VAL A 263 9.00 0.28 21.57
N MET A 264 7.72 0.04 21.29
CA MET A 264 6.65 0.78 21.92
C MET A 264 6.63 0.60 23.44
N ASP A 265 6.79 -0.65 23.89
CA ASP A 265 6.81 -0.94 25.32
C ASP A 265 7.95 -0.19 26.01
N GLU A 266 9.15 -0.28 25.43
CA GLU A 266 10.35 0.33 25.99
C GLU A 266 10.20 1.83 26.23
N ASN A 267 9.41 2.50 25.39
CA ASN A 267 9.21 3.93 25.51
C ASN A 267 8.20 4.27 26.61
S SO4 B . -28.01 -10.47 -14.50
O1 SO4 B . -29.36 -10.83 -14.95
O2 SO4 B . -27.93 -9.02 -14.39
O3 SO4 B . -27.01 -10.93 -15.47
O4 SO4 B . -27.77 -11.09 -13.20
S SO4 C . 15.25 13.39 7.11
O1 SO4 C . 14.99 14.69 7.74
O2 SO4 C . 15.54 13.59 5.70
O3 SO4 C . 16.41 12.78 7.78
O4 SO4 C . 14.10 12.52 7.28
C1 GOL D . 12.69 11.14 -10.63
O1 GOL D . 13.71 10.40 -11.29
C2 GOL D . 13.20 11.70 -9.29
O2 GOL D . 14.42 11.11 -8.92
C3 GOL D . 13.35 13.21 -9.39
O3 GOL D . 14.01 13.69 -8.23
C1 GOL E . 3.75 -4.31 -11.34
O1 GOL E . 3.27 -5.44 -12.03
C2 GOL E . 3.65 -4.52 -9.83
O2 GOL E . 3.25 -5.83 -9.47
C3 GOL E . 4.96 -4.11 -9.16
O3 GOL E . 5.00 -4.54 -7.82
C5 PG0 F . -18.66 5.88 11.00
O2 PG0 F . -18.57 4.90 9.97
C4 PG0 F . -17.23 4.45 9.78
C3 PG0 F . -17.18 3.59 8.52
O1 PG0 F . -18.31 2.71 8.50
C2 PG0 F . -18.29 1.86 7.35
C1 PG0 F . -19.14 0.63 7.60
OTT PG0 F . -19.42 -0.05 6.37
C5 PG0 G . -5.15 9.12 -4.23
O2 PG0 G . -5.40 8.68 -2.89
C4 PG0 G . -6.24 9.57 -2.11
C3 PG0 G . -5.68 10.99 -2.05
O1 PG0 G . -5.87 11.60 -0.77
C2 PG0 G . -5.04 12.77 -0.69
C1 PG0 G . -5.61 13.85 0.24
OTT PG0 G . -6.30 14.85 -0.52
C4 9B1 H . -4.10 1.89 -7.16
C14 9B1 H . -4.23 4.17 -5.90
C5 9B1 H . -4.78 3.06 -6.76
C6 9B1 H . -6.06 3.11 -7.24
C8 9B1 H . -4.84 1.05 -7.91
C9 9B1 H . -4.06 -0.19 -8.32
C10 9B1 H . -7.00 4.15 -6.86
C13 9B1 H . -5.06 5.44 -6.05
C3 9B1 H . -2.71 1.31 -6.97
C1 9B1 H . -1.73 0.31 -9.05
C2 9B1 H . -2.63 0.05 -7.84
S7 9B1 H . -6.41 1.68 -8.14
O11 9B1 H . -8.20 3.93 -7.01
N12 9B1 H . -6.50 5.23 -6.23
C15 9B1 H . -7.41 6.20 -5.75
C16 9B1 H . -7.81 7.26 -6.54
C17 9B1 H . -8.71 8.19 -6.04
C18 9B1 H . -9.19 8.06 -4.74
C19 9B1 H . -8.77 7.01 -3.93
C20 9B1 H . -7.89 6.05 -4.44
C21 9B1 H . -7.39 4.91 -3.55
O22 9B1 H . -8.03 3.64 -3.74
C23 9B1 H . -9.38 6.95 -2.56
C24 9B1 H . -9.48 8.10 -1.75
C25 9B1 H . -10.10 8.00 -0.51
C26 9B1 H . -10.61 6.78 -0.05
O27 9B1 H . -11.13 6.73 1.06
N28 9B1 H . -10.49 5.70 -0.84
C29 9B1 H . -9.90 5.78 -2.07
C30 9B1 H . -11.03 4.42 -0.32
N31 9B1 H . -10.25 9.06 0.40
C32 9B1 H . -10.09 10.40 0.15
C33 9B1 H . -10.49 11.32 1.13
C34 9B1 H . -10.31 12.66 0.89
N35 9B1 H . -9.77 13.04 -0.26
C36 9B1 H . -9.40 12.16 -1.17
N37 9B1 H . -9.54 10.86 -0.98
C38 9B1 H . -2.12 -1.15 -7.03
#